data_2L8P
#
_entry.id   2L8P
#
loop_
_entity.id
_entity.type
_entity.pdbx_description
1 polymer "DNA (5'-D(*CP*GP*CP*AP*TP*GP*(L8P)P*TP*AP*CP*GP*C)-3')"
2 polymer "DNA (5'-D(*GP*CP*GP*TP*AP*GP*CP*AP*TP*GP*CP*G)-3')"
#
loop_
_entity_poly.entity_id
_entity_poly.type
_entity_poly.pdbx_seq_one_letter_code
_entity_poly.pdbx_strand_id
1 'polydeoxyribonucleotide' (DC)(DG)(DC)(DA)(DT)(DG)(L8P)(DT)(DA)(DC)(DG)(DC) A
2 'polydeoxyribonucleotide' (DG)(DC)(DG)(DT)(DA)(DG)(DC)(DA)(DT)(DG)(DC)(DG) B
#